data_4K69
#
_entry.id   4K69
#
_cell.length_a   74.365
_cell.length_b   74.365
_cell.length_c   49.474
_cell.angle_alpha   90.000
_cell.angle_beta   90.000
_cell.angle_gamma   90.000
#
_symmetry.space_group_name_H-M   'P 43'
#
loop_
_entity.id
_entity.type
_entity.pdbx_description
1 polymer Chymase
2 non-polymer 'ZINC ION'
3 non-polymer 2-acetamido-2-deoxy-beta-D-glucopyranose
4 non-polymer '(3S)-3-{3-[(6-bromo-2-oxo-2,3-dihydro-1H-indol-4-yl)methyl]-2-oxo-2,3-dihydro-1H-benzimidazol-1-yl}hexanoic acid'
5 water water
#
_entity_poly.entity_id   1
_entity_poly.type   'polypeptide(L)'
_entity_poly.pdbx_seq_one_letter_code
;IIGGTECKPHSRPYMAYLEIVTSNGPSKFCGGFLIRRNFVLTAAHCAGRSITVTLGAHNITEEEDTWQKLEVIKQFRHPK
YNTSTLHHDIMLLKLKEKASLTLAVGTLPFPSQKNFVPPGRMCRVAGWGRTGVLKPGSDTLQEVKLRLMDPQACSHFRDF
DHNLQLCVGNPRKTKSAFKGDSGGPLLCAGAAQGIVSYGRSDAKPPAVFTRISHYQPWINQILQAN
;
_entity_poly.pdbx_strand_id   A
#
# COMPACT_ATOMS: atom_id res chain seq x y z
N ILE A 1 -9.50 4.35 -2.37
CA ILE A 1 -10.15 4.33 -1.06
C ILE A 1 -11.63 4.63 -1.23
N ILE A 2 -12.48 3.70 -0.78
CA ILE A 2 -13.93 3.88 -0.86
C ILE A 2 -14.49 4.29 0.50
N GLY A 3 -15.26 5.38 0.52
CA GLY A 3 -15.90 5.82 1.73
C GLY A 3 -15.00 6.56 2.70
N GLY A 4 -13.89 7.07 2.19
CA GLY A 4 -12.94 7.79 3.00
C GLY A 4 -13.11 9.29 2.87
N THR A 5 -12.13 10.03 3.35
CA THR A 5 -12.16 11.50 3.25
C THR A 5 -10.80 11.98 2.78
N GLU A 6 -10.77 13.14 2.14
CA GLU A 6 -9.50 13.71 1.70
C GLU A 6 -8.64 14.10 2.90
N CYS A 7 -7.37 13.69 2.86
CA CYS A 7 -6.42 14.07 3.91
C CYS A 7 -6.02 15.53 3.80
N LYS A 8 -5.70 16.16 4.93
CA LYS A 8 -4.99 17.42 4.91
C LYS A 8 -3.67 17.16 4.19
N PRO A 9 -3.31 18.01 3.24
CA PRO A 9 -2.11 17.75 2.44
C PRO A 9 -0.88 17.52 3.30
N HIS A 10 -0.18 16.42 3.02
CA HIS A 10 1.10 16.08 3.65
C HIS A 10 1.01 15.61 5.09
N SER A 11 -0.21 15.31 5.54
CA SER A 11 -0.43 14.84 6.90
C SER A 11 -0.03 13.37 7.10
N ARG A 12 0.28 12.68 6.00
CA ARG A 12 0.78 11.30 6.05
C ARG A 12 2.10 11.23 5.26
N PRO A 13 3.17 11.77 5.86
CA PRO A 13 4.35 12.07 5.03
C PRO A 13 5.17 10.87 4.58
N TYR A 14 4.82 9.69 5.09
CA TYR A 14 5.48 8.45 4.68
C TYR A 14 4.84 7.85 3.43
N MET A 15 3.72 8.37 2.97
CA MET A 15 3.00 7.74 1.85
C MET A 15 3.75 7.91 0.54
N ALA A 16 3.80 6.82 -0.22
CA ALA A 16 4.51 6.80 -1.50
C ALA A 16 3.52 6.47 -2.61
N TYR A 17 3.63 7.20 -3.72
CA TYR A 17 2.82 6.99 -4.91
C TYR A 17 3.72 6.33 -5.95
N LEU A 18 3.32 5.15 -6.40
CA LEU A 18 4.16 4.32 -7.27
C LEU A 18 3.58 4.23 -8.67
N GLU A 19 4.42 4.53 -9.66
CA GLU A 19 4.08 4.30 -11.05
C GLU A 19 4.84 3.07 -11.52
N ILE A 20 4.12 2.06 -11.95
N ILE A 20 4.10 2.06 -11.96
CA ILE A 20 4.73 0.79 -12.31
CA ILE A 20 4.64 0.75 -12.32
C ILE A 20 4.74 0.59 -13.82
C ILE A 20 4.74 0.62 -13.83
N VAL A 21 5.94 0.43 -14.35
CA VAL A 21 6.14 0.29 -15.79
C VAL A 21 6.32 -1.17 -16.14
N THR A 22 5.62 -1.62 -17.18
CA THR A 22 5.79 -2.97 -17.71
C THR A 22 6.00 -2.90 -19.22
N SER A 23 6.52 -3.98 -19.79
CA SER A 23 6.88 -3.97 -21.21
C SER A 23 5.70 -3.97 -22.18
N ASN A 24 4.57 -4.53 -21.75
CA ASN A 24 3.47 -4.81 -22.66
C ASN A 24 2.15 -4.14 -22.31
N GLY A 25 2.21 -3.09 -21.50
CA GLY A 25 1.01 -2.35 -21.16
C GLY A 25 1.37 -0.98 -20.65
N PRO A 26 0.36 -0.10 -20.54
CA PRO A 26 0.57 1.24 -19.98
C PRO A 26 0.85 1.18 -18.49
N SER A 27 1.28 2.31 -17.93
CA SER A 27 1.61 2.41 -16.52
C SER A 27 0.47 1.94 -15.63
N LYS A 28 0.82 1.25 -14.54
CA LYS A 28 -0.12 0.93 -13.48
C LYS A 28 0.31 1.71 -12.24
N PHE A 29 -0.53 1.70 -11.21
CA PHE A 29 -0.25 2.51 -10.03
C PHE A 29 -0.53 1.79 -8.73
N CYS A 30 0.29 2.09 -7.72
CA CYS A 30 0.13 1.53 -6.40
C CYS A 30 0.48 2.58 -5.35
N GLY A 31 0.15 2.26 -4.11
CA GLY A 31 0.70 2.98 -2.98
C GLY A 31 1.87 2.23 -2.38
N GLY A 32 2.26 2.66 -1.19
CA GLY A 32 3.44 2.15 -0.54
C GLY A 32 3.80 3.13 0.56
N PHE A 33 4.84 2.81 1.33
CA PHE A 33 5.25 3.70 2.41
C PHE A 33 6.74 3.65 2.67
N LEU A 34 7.29 4.81 3.01
CA LEU A 34 8.72 4.96 3.25
C LEU A 34 9.09 4.44 4.64
N ILE A 35 9.93 3.42 4.70
CA ILE A 35 10.35 2.89 6.01
C ILE A 35 11.79 3.20 6.38
N ARG A 36 12.61 3.48 5.37
CA ARG A 36 13.97 4.00 5.55
C ARG A 36 14.12 5.07 4.50
N ARG A 37 15.12 5.93 4.62
CA ARG A 37 15.25 7.01 3.63
C ARG A 37 15.42 6.49 2.21
N ASN A 38 15.93 5.26 2.09
CA ASN A 38 16.06 4.64 0.77
C ASN A 38 15.29 3.32 0.59
N PHE A 39 14.28 3.09 1.41
CA PHE A 39 13.43 1.91 1.22
C PHE A 39 11.95 2.18 1.36
N VAL A 40 11.20 1.67 0.40
CA VAL A 40 9.75 1.72 0.40
C VAL A 40 9.16 0.31 0.47
N LEU A 41 8.17 0.14 1.33
CA LEU A 41 7.41 -1.11 1.40
C LEU A 41 6.15 -0.98 0.56
N THR A 42 5.78 -2.06 -0.12
CA THR A 42 4.56 -2.08 -0.91
C THR A 42 4.15 -3.52 -1.11
N ALA A 43 3.15 -3.76 -1.96
CA ALA A 43 2.69 -5.11 -2.28
C ALA A 43 3.52 -5.74 -3.40
N ALA A 44 3.74 -7.05 -3.32
CA ALA A 44 4.46 -7.79 -4.36
C ALA A 44 3.76 -7.74 -5.72
N HIS A 45 2.44 -7.66 -5.71
CA HIS A 45 1.70 -7.63 -6.97
C HIS A 45 1.91 -6.31 -7.73
N CYS A 46 2.63 -5.38 -7.10
CA CYS A 46 2.99 -4.12 -7.75
C CYS A 46 4.34 -4.18 -8.45
N ALA A 47 4.96 -5.34 -8.49
CA ALA A 47 6.25 -5.48 -9.18
C ALA A 47 6.10 -5.20 -10.67
N GLY A 48 7.17 -4.68 -11.27
CA GLY A 48 7.14 -4.40 -12.69
C GLY A 48 8.55 -4.38 -13.25
N ARG A 49 8.66 -3.98 -14.51
CA ARG A 49 9.95 -3.87 -15.15
C ARG A 49 10.75 -2.72 -14.52
N SER A 50 10.05 -1.64 -14.17
CA SER A 50 10.66 -0.56 -13.40
C SER A 50 9.57 0.18 -12.65
N ILE A 51 9.97 0.89 -11.60
CA ILE A 51 9.03 1.61 -10.76
C ILE A 51 9.61 2.99 -10.44
N THR A 52 8.75 4.01 -10.44
CA THR A 52 9.14 5.32 -9.94
C THR A 52 8.29 5.64 -8.72
N VAL A 53 8.93 6.26 -7.73
CA VAL A 53 8.27 6.58 -6.49
C VAL A 53 8.16 8.09 -6.38
N THR A 54 6.97 8.60 -6.08
CA THR A 54 6.81 10.01 -5.76
C THR A 54 6.46 10.14 -4.29
N LEU A 55 7.34 10.79 -3.54
CA LEU A 55 7.09 11.14 -2.14
C LEU A 55 6.65 12.59 -2.06
N GLY A 56 5.99 12.95 -0.97
CA GLY A 56 5.58 14.32 -0.74
C GLY A 56 4.34 14.78 -1.48
N ALA A 57 3.60 13.84 -2.07
CA ALA A 57 2.46 14.20 -2.88
C ALA A 57 1.18 14.32 -2.07
N HIS A 58 0.30 15.19 -2.52
CA HIS A 58 -1.10 15.15 -2.11
C HIS A 58 -1.99 15.02 -3.34
N ASN A 59 -2.13 16.11 -4.10
CA ASN A 59 -2.78 16.05 -5.40
C ASN A 59 -1.71 15.63 -6.40
N ILE A 60 -1.80 14.39 -6.88
N ILE A 60 -1.83 14.40 -6.89
CA ILE A 60 -0.73 13.84 -7.73
CA ILE A 60 -0.79 13.80 -7.72
C ILE A 60 -0.72 14.37 -9.15
C ILE A 60 -0.76 14.33 -9.16
N THR A 61 -1.69 15.21 -9.49
CA THR A 61 -1.72 15.83 -10.83
C THR A 61 -1.07 17.20 -10.79
N GLU A 62 -0.76 17.68 -9.59
CA GLU A 62 -0.30 19.05 -9.40
C GLU A 62 1.09 19.05 -8.77
N GLU A 63 2.12 19.20 -9.61
CA GLU A 63 3.51 19.23 -9.16
C GLU A 63 3.76 20.36 -8.19
N GLU A 64 4.55 20.07 -7.15
CA GLU A 64 4.85 21.08 -6.14
C GLU A 64 6.20 20.81 -5.50
N ASP A 65 6.69 21.79 -4.73
CA ASP A 65 8.04 21.71 -4.18
C ASP A 65 8.25 20.54 -3.21
N THR A 66 7.17 20.07 -2.59
CA THR A 66 7.25 18.92 -1.68
C THR A 66 7.56 17.62 -2.40
N TRP A 67 7.30 17.57 -3.71
CA TRP A 67 7.52 16.32 -4.45
C TRP A 67 8.98 15.92 -4.47
N GLN A 68 9.22 14.64 -4.21
CA GLN A 68 10.50 14.02 -4.53
C GLN A 68 10.20 12.82 -5.41
N LYS A 69 10.56 12.91 -6.68
CA LYS A 69 10.39 11.79 -7.59
C LYS A 69 11.70 11.03 -7.60
N LEU A 70 11.64 9.77 -7.19
CA LEU A 70 12.84 9.00 -6.95
C LEU A 70 12.85 7.70 -7.74
N GLU A 71 14.00 7.45 -8.35
CA GLU A 71 14.27 6.20 -9.05
C GLU A 71 14.39 5.04 -8.08
N VAL A 72 13.85 3.89 -8.49
CA VAL A 72 14.03 2.64 -7.77
C VAL A 72 15.12 1.85 -8.47
N ILE A 73 16.17 1.47 -7.78
N ILE A 73 16.17 1.52 -7.73
CA ILE A 73 17.21 0.69 -8.47
CA ILE A 73 17.30 0.78 -8.27
C ILE A 73 16.94 -0.80 -8.48
C ILE A 73 17.06 -0.73 -8.38
N LYS A 74 16.35 -1.30 -7.40
CA LYS A 74 16.16 -2.73 -7.28
C LYS A 74 14.84 -3.01 -6.58
N GLN A 75 14.14 -4.03 -7.07
CA GLN A 75 12.93 -4.51 -6.43
C GLN A 75 13.22 -5.81 -5.72
N PHE A 76 12.75 -5.91 -4.48
CA PHE A 76 12.90 -7.12 -3.69
C PHE A 76 11.52 -7.72 -3.37
N ARG A 77 11.00 -8.50 -4.32
CA ARG A 77 9.71 -9.16 -4.13
C ARG A 77 9.95 -10.36 -3.23
N HIS A 78 9.04 -10.59 -2.28
CA HIS A 78 9.18 -11.72 -1.38
C HIS A 78 9.35 -13.00 -2.18
N PRO A 79 10.34 -13.81 -1.83
CA PRO A 79 10.63 -14.97 -2.68
C PRO A 79 9.50 -16.01 -2.65
N LYS A 80 8.67 -15.97 -1.63
CA LYS A 80 7.55 -16.89 -1.53
C LYS A 80 6.25 -16.34 -2.11
N TYR A 81 6.29 -15.14 -2.69
CA TYR A 81 5.08 -14.56 -3.28
C TYR A 81 4.46 -15.52 -4.31
N ASN A 82 3.16 -15.74 -4.17
CA ASN A 82 2.47 -16.70 -4.99
C ASN A 82 1.28 -16.03 -5.69
N THR A 83 1.30 -16.02 -7.02
CA THR A 83 0.26 -15.32 -7.78
C THR A 83 -1.11 -16.02 -7.72
N SER A 84 -1.11 -17.30 -7.37
CA SER A 84 -2.36 -18.07 -7.27
C SER A 84 -3.08 -17.86 -5.93
N THR A 85 -2.32 -17.84 -4.85
CA THR A 85 -2.89 -17.67 -3.51
C THR A 85 -2.81 -16.22 -3.02
N LEU A 86 -1.90 -15.46 -3.62
CA LEU A 86 -1.55 -14.10 -3.15
C LEU A 86 -0.89 -14.07 -1.76
N HIS A 87 -0.46 -15.23 -1.28
CA HIS A 87 0.34 -15.29 -0.05
C HIS A 87 1.63 -14.52 -0.26
N HIS A 88 2.13 -13.92 0.81
CA HIS A 88 3.42 -13.22 0.83
C HIS A 88 3.48 -12.08 -0.16
N ASP A 89 2.41 -11.30 -0.20
CA ASP A 89 2.24 -10.18 -1.13
C ASP A 89 2.94 -8.93 -0.59
N ILE A 90 4.26 -9.00 -0.50
CA ILE A 90 5.05 -7.91 0.07
C ILE A 90 6.31 -7.72 -0.75
N MET A 91 6.74 -6.47 -0.89
CA MET A 91 7.92 -6.15 -1.68
C MET A 91 8.61 -4.94 -1.08
N LEU A 92 9.94 -4.99 -1.05
CA LEU A 92 10.74 -3.82 -0.71
C LEU A 92 11.32 -3.21 -1.98
N LEU A 93 11.30 -1.88 -2.03
CA LEU A 93 11.93 -1.15 -3.13
C LEU A 93 13.09 -0.35 -2.61
N LYS A 94 14.26 -0.56 -3.18
CA LYS A 94 15.42 0.24 -2.79
C LYS A 94 15.53 1.44 -3.72
N LEU A 95 15.53 2.64 -3.13
CA LEU A 95 15.66 3.88 -3.90
C LEU A 95 17.10 4.15 -4.27
N LYS A 96 17.31 4.79 -5.41
CA LYS A 96 18.66 5.05 -5.90
C LYS A 96 19.44 5.95 -4.93
N GLU A 97 18.76 6.95 -4.38
CA GLU A 97 19.37 7.75 -3.32
C GLU A 97 18.44 7.87 -2.12
N LYS A 98 18.98 8.33 -1.01
CA LYS A 98 18.15 8.52 0.18
C LYS A 98 17.30 9.75 0.00
N ALA A 99 16.01 9.62 0.29
CA ALA A 99 15.10 10.75 0.22
C ALA A 99 15.47 11.84 1.21
N SER A 100 15.06 13.06 0.90
CA SER A 100 15.24 14.15 1.82
C SER A 100 14.15 14.11 2.86
N LEU A 101 14.52 14.36 4.11
CA LEU A 101 13.53 14.51 5.15
C LEU A 101 13.06 15.95 5.14
N THR A 102 11.74 16.12 4.99
CA THR A 102 11.12 17.44 5.01
C THR A 102 9.86 17.33 5.86
N LEU A 103 9.14 18.43 6.03
CA LEU A 103 7.87 18.35 6.73
C LEU A 103 6.93 17.37 6.01
N ALA A 104 7.04 17.33 4.69
CA ALA A 104 6.10 16.59 3.87
C ALA A 104 6.55 15.16 3.57
N VAL A 105 7.79 14.83 3.90
CA VAL A 105 8.32 13.49 3.64
C VAL A 105 9.11 12.98 4.83
N GLY A 106 8.70 11.83 5.35
CA GLY A 106 9.37 11.23 6.48
C GLY A 106 9.11 9.74 6.48
N THR A 107 9.87 9.01 7.30
CA THR A 107 9.67 7.57 7.39
C THR A 107 8.60 7.23 8.41
N LEU A 108 8.01 6.06 8.24
CA LEU A 108 7.03 5.58 9.21
C LEU A 108 7.75 4.76 10.27
N GLY A 120 -11.74 -6.16 16.92
CA GLY A 120 -12.69 -5.08 16.77
C GLY A 120 -12.06 -3.70 16.92
N ARG A 121 -10.74 -3.63 16.84
CA ARG A 121 -10.06 -2.35 16.89
C ARG A 121 -10.15 -1.62 15.55
N MET A 122 -10.08 -0.30 15.59
CA MET A 122 -10.21 0.50 14.39
C MET A 122 -8.84 0.91 13.87
N CYS A 123 -8.65 0.72 12.58
CA CYS A 123 -7.38 1.04 11.94
C CYS A 123 -7.68 2.00 10.80
N ARG A 124 -6.64 2.59 10.23
CA ARG A 124 -6.82 3.52 9.13
C ARG A 124 -5.90 3.15 7.98
N VAL A 125 -6.35 3.42 6.77
CA VAL A 125 -5.52 3.18 5.59
C VAL A 125 -5.76 4.30 4.56
N ALA A 126 -4.68 4.73 3.93
CA ALA A 126 -4.73 5.84 2.97
C ALA A 126 -4.25 5.40 1.60
N GLY A 127 -4.69 6.12 0.58
CA GLY A 127 -4.26 5.84 -0.77
C GLY A 127 -4.86 6.75 -1.82
N TRP A 128 -4.35 6.62 -3.04
CA TRP A 128 -4.83 7.36 -4.20
C TRP A 128 -5.66 6.47 -5.12
N GLY A 129 -6.11 5.33 -4.61
CA GLY A 129 -6.88 4.41 -5.43
C GLY A 129 -8.29 4.87 -5.78
N ARG A 130 -9.00 4.00 -6.49
CA ARG A 130 -10.37 4.25 -6.89
C ARG A 130 -11.28 4.52 -5.68
N THR A 131 -12.22 5.44 -5.87
CA THR A 131 -13.14 5.83 -4.80
C THR A 131 -14.49 5.14 -4.97
N GLY A 132 -14.56 4.24 -5.93
CA GLY A 132 -15.73 3.45 -6.22
C GLY A 132 -15.37 2.37 -7.22
N VAL A 133 -16.21 1.34 -7.31
CA VAL A 133 -15.97 0.21 -8.19
C VAL A 133 -15.75 0.64 -9.64
N LEU A 134 -16.50 1.65 -10.06
CA LEU A 134 -16.44 2.13 -11.45
C LEU A 134 -15.80 3.50 -11.56
N LYS A 135 -15.23 4.00 -10.46
CA LYS A 135 -14.66 5.34 -10.43
C LYS A 135 -13.16 5.27 -10.70
N PRO A 136 -12.60 6.34 -11.30
CA PRO A 136 -11.17 6.37 -11.55
C PRO A 136 -10.38 6.58 -10.27
N GLY A 137 -9.07 6.36 -10.35
CA GLY A 137 -8.19 6.67 -9.23
C GLY A 137 -8.34 8.10 -8.78
N SER A 138 -8.20 8.33 -7.48
CA SER A 138 -8.33 9.67 -6.90
C SER A 138 -7.13 10.56 -7.23
N ASP A 139 -7.39 11.83 -7.49
CA ASP A 139 -6.30 12.80 -7.67
C ASP A 139 -5.58 13.06 -6.35
N THR A 140 -6.31 12.90 -5.24
CA THR A 140 -5.80 13.27 -3.93
C THR A 140 -5.72 12.08 -2.98
N LEU A 141 -4.87 12.21 -1.97
CA LEU A 141 -4.73 11.16 -0.95
C LEU A 141 -5.96 11.14 -0.05
N GLN A 142 -6.58 9.97 0.02
CA GLN A 142 -7.77 9.76 0.84
C GLN A 142 -7.42 8.80 1.96
N GLU A 143 -8.15 8.87 3.07
CA GLU A 143 -7.98 7.90 4.17
C GLU A 143 -9.34 7.43 4.70
N VAL A 144 -9.40 6.16 5.12
CA VAL A 144 -10.64 5.59 5.66
C VAL A 144 -10.33 4.80 6.92
N LYS A 145 -11.25 4.80 7.88
CA LYS A 145 -11.10 3.98 9.07
C LYS A 145 -11.86 2.67 8.88
N LEU A 146 -11.20 1.56 9.21
CA LEU A 146 -11.74 0.23 8.99
C LEU A 146 -11.65 -0.60 10.26
N ARG A 147 -12.58 -1.52 10.43
CA ARG A 147 -12.59 -2.39 11.61
C ARG A 147 -11.79 -3.66 11.36
N LEU A 148 -10.87 -3.97 12.26
CA LEU A 148 -10.16 -5.26 12.23
C LEU A 148 -11.15 -6.35 12.60
N MET A 149 -11.26 -7.36 11.75
CA MET A 149 -12.25 -8.42 11.93
C MET A 149 -11.61 -9.71 12.40
N ASP A 150 -12.41 -10.57 13.04
CA ASP A 150 -11.98 -11.93 13.33
C ASP A 150 -11.79 -12.69 12.03
N PRO A 151 -10.86 -13.67 11.98
CA PRO A 151 -10.50 -14.30 10.70
C PRO A 151 -11.66 -15.00 10.00
N GLN A 152 -12.65 -15.49 10.74
CA GLN A 152 -13.77 -16.15 10.08
C GLN A 152 -14.53 -15.21 9.13
N ALA A 153 -14.41 -13.89 9.35
CA ALA A 153 -15.05 -12.91 8.47
C ALA A 153 -14.50 -12.96 7.05
N CYS A 154 -13.32 -13.55 6.89
CA CYS A 154 -12.66 -13.64 5.60
C CYS A 154 -12.57 -15.07 5.07
N SER A 155 -13.35 -15.96 5.66
CA SER A 155 -13.30 -17.37 5.28
C SER A 155 -13.64 -17.60 3.81
N HIS A 156 -14.52 -16.77 3.26
CA HIS A 156 -14.91 -16.87 1.86
C HIS A 156 -13.77 -16.60 0.87
N PHE A 157 -12.70 -15.97 1.35
CA PHE A 157 -11.46 -15.91 0.57
C PHE A 157 -10.75 -17.23 0.88
N ARG A 158 -10.85 -18.19 -0.03
CA ARG A 158 -10.47 -19.56 0.31
C ARG A 158 -8.98 -19.70 0.63
N ASP A 159 -8.16 -18.82 0.10
CA ASP A 159 -6.73 -18.85 0.40
C ASP A 159 -6.32 -17.87 1.51
N PHE A 160 -7.29 -17.29 2.20
CA PHE A 160 -6.99 -16.47 3.36
C PHE A 160 -6.35 -17.30 4.47
N ASP A 161 -5.29 -16.76 5.08
CA ASP A 161 -4.56 -17.45 6.16
C ASP A 161 -4.36 -16.46 7.31
N HIS A 162 -4.96 -16.76 8.46
CA HIS A 162 -4.92 -15.92 9.65
C HIS A 162 -3.49 -15.64 10.15
N ASN A 163 -2.57 -16.59 9.94
CA ASN A 163 -1.19 -16.37 10.33
C ASN A 163 -0.51 -15.30 9.48
N LEU A 164 -0.88 -15.25 8.21
CA LEU A 164 -0.20 -14.41 7.23
C LEU A 164 -0.92 -13.09 6.94
N GLN A 165 -2.20 -13.02 7.29
CA GLN A 165 -3.03 -11.92 6.81
C GLN A 165 -3.98 -11.39 7.87
N LEU A 166 -4.40 -10.13 7.69
CA LEU A 166 -5.46 -9.54 8.49
C LEU A 166 -6.76 -9.47 7.68
N CYS A 167 -7.88 -9.57 8.38
CA CYS A 167 -9.20 -9.47 7.77
C CYS A 167 -9.74 -8.12 8.19
N VAL A 168 -10.01 -7.24 7.23
CA VAL A 168 -10.24 -5.83 7.53
C VAL A 168 -11.45 -5.22 6.83
N GLY A 169 -12.37 -4.66 7.62
CA GLY A 169 -13.55 -3.99 7.10
C GLY A 169 -14.85 -4.67 7.51
N ASN A 170 -15.67 -3.93 8.26
CA ASN A 170 -17.02 -4.37 8.60
C ASN A 170 -17.86 -4.56 7.34
N PRO A 171 -18.42 -5.77 7.15
CA PRO A 171 -19.22 -6.02 5.93
C PRO A 171 -20.49 -5.16 5.84
N ARG A 172 -20.93 -4.58 6.94
CA ARG A 172 -22.12 -3.71 6.95
C ARG A 172 -21.83 -2.26 6.59
N LYS A 173 -20.57 -1.95 6.33
CA LYS A 173 -20.18 -0.63 5.84
C LYS A 173 -19.64 -0.79 4.42
N THR A 174 -19.63 0.29 3.64
CA THR A 174 -19.09 0.19 2.27
C THR A 174 -17.60 0.57 2.26
N LYS A 175 -17.10 1.00 3.41
CA LYS A 175 -15.72 1.47 3.54
C LYS A 175 -14.69 0.39 3.21
N SER A 176 -13.70 0.73 2.40
CA SER A 176 -12.71 -0.26 1.97
C SER A 176 -11.55 0.38 1.23
N ALA A 177 -10.37 -0.23 1.31
CA ALA A 177 -9.33 0.05 0.33
C ALA A 177 -9.78 -0.63 -0.98
N PHE A 178 -9.24 -0.20 -2.10
CA PHE A 178 -9.63 -0.80 -3.37
C PHE A 178 -8.49 -0.75 -4.38
N LYS A 179 -8.82 -0.97 -5.66
CA LYS A 179 -7.84 -0.89 -6.73
C LYS A 179 -7.08 0.43 -6.66
N GLY A 180 -5.77 0.36 -6.75
CA GLY A 180 -4.93 1.54 -6.69
C GLY A 180 -4.38 1.83 -5.32
N ASP A 181 -4.94 1.18 -4.29
CA ASP A 181 -4.48 1.40 -2.92
C ASP A 181 -3.44 0.36 -2.48
N SER A 182 -3.15 -0.60 -3.35
CA SER A 182 -2.17 -1.67 -3.10
C SER A 182 -0.93 -1.14 -2.41
N GLY A 183 -0.47 -1.81 -1.36
CA GLY A 183 0.79 -1.43 -0.76
C GLY A 183 0.71 -0.38 0.33
N GLY A 184 -0.45 0.23 0.49
CA GLY A 184 -0.62 1.22 1.54
C GLY A 184 -0.60 0.58 2.92
N PRO A 185 -0.03 1.27 3.91
CA PRO A 185 -0.01 0.72 5.28
C PRO A 185 -1.34 0.89 6.00
N LEU A 186 -1.71 -0.16 6.73
CA LEU A 186 -2.85 -0.11 7.62
C LEU A 186 -2.31 0.17 9.01
N LEU A 187 -2.69 1.31 9.56
CA LEU A 187 -2.18 1.70 10.87
C LEU A 187 -3.24 1.52 11.95
N CYS A 188 -2.85 0.86 13.03
CA CYS A 188 -3.73 0.68 14.17
C CYS A 188 -2.99 1.28 15.38
N ALA A 189 -3.56 2.33 15.97
CA ALA A 189 -2.92 3.08 17.05
C ALA A 189 -1.56 3.65 16.63
N GLY A 190 -1.50 4.20 15.42
CA GLY A 190 -0.30 4.83 14.92
C GLY A 190 0.83 3.89 14.53
N ALA A 191 0.59 2.59 14.65
CA ALA A 191 1.59 1.59 14.27
C ALA A 191 1.12 0.84 13.04
N ALA A 192 2.02 0.63 12.08
CA ALA A 192 1.71 -0.15 10.89
C ALA A 192 1.53 -1.63 11.22
N GLN A 193 0.36 -2.16 10.88
CA GLN A 193 0.01 -3.55 11.20
C GLN A 193 -0.19 -4.36 9.94
N GLY A 194 -0.65 -3.69 8.88
CA GLY A 194 -0.97 -4.38 7.64
C GLY A 194 -0.54 -3.62 6.41
N ILE A 195 -0.63 -4.30 5.27
CA ILE A 195 -0.41 -3.70 3.95
C ILE A 195 -1.55 -4.10 3.03
N VAL A 196 -2.13 -3.13 2.32
CA VAL A 196 -3.21 -3.42 1.39
C VAL A 196 -2.77 -4.50 0.42
N SER A 197 -3.60 -5.54 0.27
CA SER A 197 -3.31 -6.61 -0.67
C SER A 197 -4.46 -6.80 -1.66
N TYR A 198 -5.49 -7.54 -1.28
CA TYR A 198 -6.60 -7.81 -2.20
C TYR A 198 -7.98 -7.82 -1.53
N GLY A 199 -9.01 -7.84 -2.35
CA GLY A 199 -10.37 -7.94 -1.88
C GLY A 199 -11.26 -8.34 -3.03
N ARG A 200 -12.56 -8.30 -2.82
CA ARG A 200 -13.53 -8.60 -3.87
C ARG A 200 -13.57 -7.51 -4.94
N SER A 201 -13.84 -7.94 -6.17
N SER A 201 -13.84 -7.92 -6.18
CA SER A 201 -14.00 -7.04 -7.30
CA SER A 201 -13.96 -6.97 -7.28
C SER A 201 -15.15 -6.06 -7.10
C SER A 201 -15.17 -6.05 -7.13
N ASP A 202 -16.18 -6.47 -6.35
CA ASP A 202 -17.32 -5.61 -6.09
C ASP A 202 -17.13 -4.72 -4.85
N ALA A 203 -15.94 -4.79 -4.23
CA ALA A 203 -15.58 -3.97 -3.08
C ALA A 203 -16.35 -4.22 -1.78
N LYS A 204 -17.15 -5.29 -1.72
CA LYS A 204 -17.84 -5.62 -0.48
C LYS A 204 -16.82 -6.07 0.57
N PRO A 205 -16.72 -5.35 1.71
CA PRO A 205 -15.75 -5.73 2.75
C PRO A 205 -16.20 -7.01 3.44
N PRO A 206 -15.28 -7.69 4.13
CA PRO A 206 -13.89 -7.28 4.41
C PRO A 206 -12.91 -7.55 3.27
N ALA A 207 -11.73 -6.96 3.39
CA ALA A 207 -10.64 -7.23 2.46
C ALA A 207 -9.48 -7.87 3.19
N VAL A 208 -8.49 -8.31 2.43
CA VAL A 208 -7.37 -9.06 2.97
C VAL A 208 -6.10 -8.23 2.91
N PHE A 209 -5.47 -8.03 4.07
CA PHE A 209 -4.25 -7.27 4.17
C PHE A 209 -3.10 -8.19 4.57
N THR A 210 -1.89 -7.88 4.14
CA THR A 210 -0.70 -8.58 4.61
C THR A 210 -0.46 -8.26 6.08
N ARG A 211 -0.19 -9.28 6.89
CA ARG A 211 0.15 -9.10 8.30
C ARG A 211 1.64 -8.81 8.42
N ILE A 212 1.99 -7.54 8.67
CA ILE A 212 3.40 -7.11 8.64
C ILE A 212 4.28 -7.91 9.61
N SER A 213 3.77 -8.20 10.80
CA SER A 213 4.57 -8.84 11.85
C SER A 213 5.22 -10.13 11.37
N HIS A 214 4.53 -10.86 10.50
CA HIS A 214 5.06 -12.10 9.99
C HIS A 214 6.33 -11.90 9.16
N TYR A 215 6.47 -10.71 8.59
CA TYR A 215 7.52 -10.43 7.62
C TYR A 215 8.71 -9.64 8.18
N GLN A 216 8.63 -9.29 9.46
CA GLN A 216 9.73 -8.54 10.09
C GLN A 216 11.14 -9.13 9.95
N PRO A 217 11.31 -10.45 10.18
CA PRO A 217 12.66 -11.00 9.96
C PRO A 217 13.13 -10.84 8.52
N TRP A 218 12.26 -11.09 7.55
CA TRP A 218 12.62 -10.93 6.15
C TRP A 218 12.93 -9.47 5.81
N ILE A 219 12.10 -8.56 6.29
CA ILE A 219 12.35 -7.13 6.08
C ILE A 219 13.72 -6.72 6.64
N ASN A 220 14.00 -7.11 7.88
CA ASN A 220 15.29 -6.82 8.50
C ASN A 220 16.45 -7.39 7.70
N GLN A 221 16.23 -8.58 7.17
CA GLN A 221 17.19 -9.30 6.35
C GLN A 221 17.60 -8.50 5.12
N ILE A 222 16.61 -8.04 4.36
CA ILE A 222 16.85 -7.24 3.17
C ILE A 222 17.52 -5.91 3.54
N LEU A 223 17.04 -5.27 4.59
CA LEU A 223 17.55 -3.96 5.02
C LEU A 223 19.02 -4.01 5.48
N GLN A 224 19.47 -5.16 5.97
CA GLN A 224 20.88 -5.29 6.37
C GLN A 224 21.77 -5.70 5.20
N ALA A 225 21.20 -6.40 4.23
CA ALA A 225 21.97 -6.92 3.11
C ALA A 225 22.18 -5.90 1.98
N ASN A 226 21.43 -4.80 2.01
CA ASN A 226 21.49 -3.81 0.94
C ASN A 226 21.61 -2.38 1.48
#